data_3EMX
#
_entry.id   3EMX
#
_cell.length_a   52.229
_cell.length_b   54.852
_cell.length_c   159.342
_cell.angle_alpha   90.000
_cell.angle_beta   90.000
_cell.angle_gamma   90.000
#
_symmetry.space_group_name_H-M   'C 2 2 21'
#
loop_
_entity.id
_entity.type
_entity.pdbx_description
1 polymer Thioredoxin
2 water water
#
_entity_poly.entity_id   1
_entity_poly.type   'polypeptide(L)'
_entity_poly.pdbx_seq_one_letter_code
;MSLSYVKEGLAVLEDGRLIYITPEEFRQLLQGDAILAVYSKTCPHCHRDWPQLIQASKEVDVPIVMFIWGSLIGERELSA
ARLEMNKAGVEGTPTLVFYKEGRIVDKLVGATPWSLKVEKAREIYGGEGHHHHHH
;
_entity_poly.pdbx_strand_id   A,B
#
# COMPACT_ATOMS: atom_id res chain seq x y z
N SER A 2 -2.55 -23.35 -4.07
CA SER A 2 -3.28 -23.86 -2.89
C SER A 2 -3.07 -22.91 -1.72
N LEU A 3 -4.09 -22.73 -0.90
CA LEU A 3 -3.96 -21.89 0.27
C LEU A 3 -2.80 -22.36 1.18
N SER A 4 -2.58 -23.68 1.18
CA SER A 4 -1.49 -24.25 1.95
C SER A 4 -0.12 -23.69 1.60
N TYR A 5 0.03 -23.17 0.40
CA TYR A 5 1.32 -22.58 0.00
C TYR A 5 1.30 -21.08 -0.01
N VAL A 6 0.27 -20.49 0.58
CA VAL A 6 0.22 -19.06 0.75
C VAL A 6 0.94 -18.66 2.02
N LYS A 7 1.81 -17.67 1.90
CA LYS A 7 2.53 -17.11 3.04
C LYS A 7 1.54 -16.39 3.98
N GLU A 8 1.59 -16.73 5.27
CA GLU A 8 0.66 -16.20 6.23
C GLU A 8 1.07 -14.78 6.58
N GLY A 9 0.14 -14.00 7.13
CA GLY A 9 0.41 -12.59 7.42
C GLY A 9 -0.81 -11.71 7.17
N LEU A 10 -0.54 -10.42 6.92
CA LEU A 10 -1.58 -9.47 6.58
C LEU A 10 -1.33 -9.07 5.14
N ALA A 11 -2.40 -8.93 4.38
CA ALA A 11 -2.22 -8.57 2.99
C ALA A 11 -3.45 -7.87 2.45
N VAL A 12 -3.31 -7.29 1.28
CA VAL A 12 -4.49 -6.87 0.54
C VAL A 12 -4.55 -7.67 -0.77
N LEU A 13 -5.74 -8.16 -1.09
CA LEU A 13 -5.94 -9.01 -2.24
C LEU A 13 -6.44 -8.09 -3.31
N GLU A 14 -5.62 -7.82 -4.30
CA GLU A 14 -6.01 -6.86 -5.32
C GLU A 14 -6.01 -7.41 -6.74
N ASP A 15 -7.19 -7.48 -7.36
CA ASP A 15 -7.37 -8.20 -8.63
C ASP A 15 -6.68 -9.53 -8.61
N GLY A 16 -6.93 -10.30 -7.56
CA GLY A 16 -6.42 -11.67 -7.47
C GLY A 16 -4.96 -11.82 -7.06
N ARG A 17 -4.33 -10.73 -6.67
CA ARG A 17 -2.91 -10.78 -6.27
C ARG A 17 -2.68 -10.34 -4.84
N LEU A 18 -1.91 -11.09 -4.07
CA LEU A 18 -1.57 -10.65 -2.71
C LEU A 18 -0.49 -9.56 -2.70
N ILE A 19 -0.74 -8.50 -1.93
CA ILE A 19 0.25 -7.45 -1.64
C ILE A 19 0.37 -7.45 -0.13
N TYR A 20 1.52 -7.84 0.40
CA TYR A 20 1.65 -8.01 1.87
C TYR A 20 1.81 -6.65 2.53
N ILE A 21 1.15 -6.47 3.67
CA ILE A 21 1.20 -5.17 4.32
C ILE A 21 1.62 -5.32 5.76
N THR A 22 1.78 -4.18 6.43
CA THR A 22 2.12 -4.04 7.84
C THR A 22 0.86 -3.94 8.72
N PRO A 23 1.00 -4.13 10.04
CA PRO A 23 -0.13 -3.85 10.94
C PRO A 23 -0.65 -2.41 10.80
N GLU A 24 0.27 -1.46 10.65
CA GLU A 24 -0.15 -0.06 10.44
C GLU A 24 -1.10 0.12 9.26
N GLU A 25 -0.64 -0.28 8.07
CA GLU A 25 -1.49 -0.22 6.88
C GLU A 25 -2.79 -1.01 7.07
N PHE A 26 -2.71 -2.20 7.64
CA PHE A 26 -3.90 -2.96 7.96
C PHE A 26 -4.93 -2.08 8.68
N ARG A 27 -4.49 -1.43 9.76
CA ARG A 27 -5.40 -0.58 10.54
C ARG A 27 -5.90 0.62 9.76
N GLN A 28 -4.98 1.28 9.07
CA GLN A 28 -5.33 2.35 8.17
C GLN A 28 -6.46 1.95 7.20
N LEU A 29 -6.27 0.86 6.46
CA LEU A 29 -7.26 0.44 5.49
C LEU A 29 -8.62 0.20 6.14
N LEU A 30 -8.60 -0.36 7.34
CA LEU A 30 -9.85 -0.60 8.09
C LEU A 30 -10.58 0.68 8.60
N GLN A 31 -9.97 1.86 8.52
CA GLN A 31 -10.74 3.09 8.81
C GLN A 31 -11.64 3.51 7.70
N GLY A 32 -11.48 2.94 6.52
CA GLY A 32 -12.25 3.40 5.38
C GLY A 32 -13.24 2.34 4.95
N ASP A 33 -13.44 2.21 3.64
CA ASP A 33 -14.29 1.17 3.11
C ASP A 33 -13.41 -0.04 2.77
N ALA A 34 -13.70 -1.20 3.35
CA ALA A 34 -12.89 -2.37 3.10
C ALA A 34 -13.61 -3.60 3.57
N ILE A 35 -13.30 -4.72 2.93
CA ILE A 35 -13.72 -6.02 3.40
C ILE A 35 -12.55 -6.76 4.04
N LEU A 36 -12.69 -7.14 5.30
CA LEU A 36 -11.67 -7.93 5.97
C LEU A 36 -12.00 -9.42 5.82
N ALA A 37 -11.07 -10.21 5.27
CA ALA A 37 -11.25 -11.67 5.22
C ALA A 37 -10.44 -12.32 6.33
N VAL A 38 -11.12 -13.04 7.20
CA VAL A 38 -10.48 -13.74 8.32
C VAL A 38 -10.27 -15.21 7.92
N TYR A 39 -9.01 -15.54 7.64
CA TYR A 39 -8.66 -16.81 7.05
C TYR A 39 -7.62 -17.56 7.88
N SER A 40 -7.57 -18.87 7.64
CA SER A 40 -6.56 -19.73 8.22
C SER A 40 -6.11 -20.79 7.21
N LYS A 41 -4.79 -21.04 7.16
CA LYS A 41 -4.20 -22.01 6.25
C LYS A 41 -4.49 -23.47 6.64
N THR A 42 -4.79 -23.69 7.92
CA THR A 42 -5.16 -25.01 8.39
C THR A 42 -6.67 -25.26 8.32
N CYS A 43 -7.42 -24.34 7.71
CA CYS A 43 -8.87 -24.46 7.70
C CYS A 43 -9.41 -24.97 6.36
N PRO A 44 -10.09 -26.12 6.40
CA PRO A 44 -10.58 -26.77 5.19
C PRO A 44 -11.64 -25.92 4.51
N HIS A 45 -12.39 -25.16 5.29
CA HIS A 45 -13.36 -24.26 4.71
C HIS A 45 -12.71 -23.08 3.98
N CYS A 46 -11.65 -22.53 4.56
CA CYS A 46 -10.90 -21.48 3.88
C CYS A 46 -10.30 -22.01 2.58
N HIS A 47 -9.84 -23.26 2.56
CA HIS A 47 -9.31 -23.85 1.31
C HIS A 47 -10.39 -23.93 0.25
N ARG A 48 -11.60 -24.30 0.64
CA ARG A 48 -12.70 -24.36 -0.30
C ARG A 48 -13.05 -22.97 -0.84
N ASP A 49 -13.03 -21.99 0.06
CA ASP A 49 -13.44 -20.64 -0.27
C ASP A 49 -12.41 -19.84 -1.08
N TRP A 50 -11.14 -20.19 -0.93
CA TRP A 50 -10.01 -19.42 -1.46
C TRP A 50 -10.17 -19.01 -2.93
N PRO A 51 -10.41 -19.99 -3.85
CA PRO A 51 -10.65 -19.65 -5.27
C PRO A 51 -11.82 -18.69 -5.45
N GLN A 52 -12.85 -18.83 -4.63
CA GLN A 52 -14.02 -17.97 -4.73
C GLN A 52 -13.64 -16.55 -4.31
N LEU A 53 -12.86 -16.45 -3.22
CA LEU A 53 -12.48 -15.12 -2.72
C LEU A 53 -11.60 -14.42 -3.75
N ILE A 54 -10.65 -15.16 -4.34
CA ILE A 54 -9.76 -14.58 -5.35
C ILE A 54 -10.54 -13.95 -6.51
N GLN A 55 -11.59 -14.63 -6.97
CA GLN A 55 -12.43 -14.15 -8.05
C GLN A 55 -13.19 -12.90 -7.68
N ALA A 56 -13.75 -12.90 -6.48
CA ALA A 56 -14.45 -11.73 -5.96
C ALA A 56 -13.55 -10.49 -6.01
N SER A 57 -12.27 -10.64 -5.67
CA SER A 57 -11.39 -9.46 -5.68
C SER A 57 -11.26 -8.87 -7.09
N LYS A 58 -11.53 -9.66 -8.12
CA LYS A 58 -11.47 -9.15 -9.47
C LYS A 58 -12.81 -8.52 -9.93
N GLU A 59 -13.82 -8.60 -9.10
CA GLU A 59 -15.11 -8.05 -9.48
C GLU A 59 -15.51 -6.81 -8.66
N VAL A 60 -14.76 -6.47 -7.62
CA VAL A 60 -15.15 -5.35 -6.81
C VAL A 60 -14.01 -4.36 -6.76
N ASP A 61 -14.29 -3.14 -6.31
CA ASP A 61 -13.26 -2.11 -6.28
C ASP A 61 -12.80 -1.92 -4.86
N VAL A 62 -13.67 -2.23 -3.90
CA VAL A 62 -13.34 -2.04 -2.52
C VAL A 62 -12.21 -2.99 -2.13
N PRO A 63 -11.23 -2.49 -1.36
CA PRO A 63 -10.11 -3.35 -0.97
C PRO A 63 -10.56 -4.55 -0.12
N ILE A 64 -10.10 -5.73 -0.51
CA ILE A 64 -10.22 -6.91 0.32
C ILE A 64 -8.92 -7.05 1.13
N VAL A 65 -9.05 -6.87 2.44
CA VAL A 65 -7.95 -6.93 3.35
C VAL A 65 -7.95 -8.33 3.97
N MET A 66 -6.78 -8.95 3.98
CA MET A 66 -6.69 -10.30 4.48
C MET A 66 -5.89 -10.48 5.73
N PHE A 67 -6.47 -11.23 6.66
CA PHE A 67 -5.69 -11.87 7.67
C PHE A 67 -5.65 -13.37 7.36
N ILE A 68 -4.44 -13.91 7.21
CA ILE A 68 -4.26 -15.30 6.90
C ILE A 68 -3.44 -15.87 8.03
N TRP A 69 -4.09 -16.68 8.87
CA TRP A 69 -3.38 -17.29 9.99
C TRP A 69 -2.49 -18.46 9.54
N GLY A 70 -1.31 -18.53 10.11
CA GLY A 70 -0.42 -19.66 9.95
C GLY A 70 0.64 -19.55 11.03
N SER A 71 1.44 -20.60 11.18
CA SER A 71 2.27 -20.72 12.38
C SER A 71 3.31 -19.63 12.50
N LEU A 72 3.75 -19.09 11.39
CA LEU A 72 4.84 -18.12 11.46
C LEU A 72 4.35 -16.68 11.42
N ILE A 73 3.08 -16.48 11.77
CA ILE A 73 2.53 -15.15 11.84
C ILE A 73 3.24 -14.33 12.95
N GLY A 74 3.43 -13.03 12.70
CA GLY A 74 4.09 -12.13 13.67
C GLY A 74 3.22 -11.69 14.83
N GLU A 75 3.82 -11.43 15.98
CA GLU A 75 3.02 -11.06 17.12
C GLU A 75 2.10 -9.88 16.82
N ARG A 76 2.66 -8.81 16.25
CA ARG A 76 1.84 -7.61 16.02
C ARG A 76 0.80 -7.79 14.92
N GLU A 77 1.16 -8.50 13.85
CA GLU A 77 0.17 -8.86 12.84
C GLU A 77 -0.99 -9.55 13.52
N LEU A 78 -0.67 -10.53 14.36
CA LEU A 78 -1.71 -11.28 15.07
C LEU A 78 -2.57 -10.38 15.97
N SER A 79 -1.98 -9.54 16.79
CA SER A 79 -2.82 -8.79 17.69
C SER A 79 -3.74 -7.87 16.93
N ALA A 80 -3.20 -7.16 15.93
CA ALA A 80 -4.01 -6.30 15.04
C ALA A 80 -5.26 -7.01 14.53
N ALA A 81 -5.09 -8.23 14.01
CA ALA A 81 -6.20 -9.01 13.46
C ALA A 81 -7.10 -9.51 14.56
N ARG A 82 -6.48 -9.87 15.67
CA ARG A 82 -7.20 -10.41 16.80
C ARG A 82 -8.19 -9.33 17.33
N LEU A 83 -7.75 -8.08 17.32
CA LEU A 83 -8.60 -7.01 17.81
C LEU A 83 -9.88 -6.92 16.99
N GLU A 84 -9.73 -6.95 15.67
CA GLU A 84 -10.86 -6.77 14.77
C GLU A 84 -11.75 -7.99 14.81
N MET A 85 -11.14 -9.16 14.94
CA MET A 85 -11.91 -10.38 15.08
C MET A 85 -12.82 -10.33 16.34
N ASN A 86 -12.30 -9.80 17.44
CA ASN A 86 -13.09 -9.56 18.65
C ASN A 86 -14.27 -8.63 18.40
N LYS A 87 -13.96 -7.41 17.95
CA LYS A 87 -14.96 -6.37 17.72
C LYS A 87 -16.01 -6.77 16.73
N ALA A 88 -15.64 -7.64 15.79
CA ALA A 88 -16.63 -8.09 14.81
C ALA A 88 -17.43 -9.31 15.27
N GLY A 89 -16.98 -9.92 16.36
CA GLY A 89 -17.69 -11.07 16.91
C GLY A 89 -17.50 -12.30 16.06
N VAL A 90 -16.33 -12.44 15.45
CA VAL A 90 -16.02 -13.58 14.58
C VAL A 90 -15.89 -14.85 15.41
N GLU A 91 -16.45 -15.94 14.90
CA GLU A 91 -16.55 -17.19 15.64
C GLU A 91 -16.02 -18.40 14.87
N GLY A 92 -15.49 -18.16 13.67
CA GLY A 92 -14.97 -19.22 12.80
C GLY A 92 -14.41 -18.62 11.53
N THR A 93 -13.94 -19.49 10.63
CA THR A 93 -13.32 -19.05 9.38
C THR A 93 -13.83 -19.94 8.28
N PRO A 94 -13.89 -19.43 7.05
CA PRO A 94 -13.65 -18.02 6.75
C PRO A 94 -14.78 -17.13 7.29
N THR A 95 -14.46 -15.85 7.51
CA THR A 95 -15.48 -14.82 7.74
C THR A 95 -15.07 -13.51 7.05
N LEU A 96 -15.96 -12.94 6.25
CA LEU A 96 -15.76 -11.61 5.72
C LEU A 96 -16.44 -10.63 6.65
N VAL A 97 -15.72 -9.59 7.05
CA VAL A 97 -16.30 -8.52 7.85
C VAL A 97 -16.32 -7.21 7.04
N PHE A 98 -17.50 -6.61 6.92
CA PHE A 98 -17.65 -5.41 6.09
C PHE A 98 -17.49 -4.11 6.86
N TYR A 99 -16.50 -3.31 6.45
CA TYR A 99 -16.28 -1.99 7.04
C TYR A 99 -16.75 -0.91 6.08
N LYS A 100 -17.59 -0.01 6.57
CA LYS A 100 -17.95 1.21 5.83
C LYS A 100 -17.46 2.42 6.62
N GLU A 101 -16.81 3.35 5.94
CA GLU A 101 -16.29 4.51 6.64
C GLU A 101 -15.68 4.09 7.98
N GLY A 102 -15.24 2.84 8.07
CA GLY A 102 -14.44 2.41 9.24
C GLY A 102 -15.27 1.78 10.33
N ARG A 103 -16.55 1.58 10.05
CA ARG A 103 -17.42 0.92 10.99
C ARG A 103 -17.80 -0.45 10.46
N ILE A 104 -17.89 -1.43 11.35
CA ILE A 104 -18.31 -2.78 11.00
C ILE A 104 -19.81 -2.79 10.77
N VAL A 105 -20.25 -3.18 9.57
CA VAL A 105 -21.67 -3.10 9.26
C VAL A 105 -22.28 -4.39 8.76
N ASP A 106 -21.47 -5.42 8.53
CA ASP A 106 -22.01 -6.72 8.12
C ASP A 106 -20.93 -7.80 8.13
N LYS A 107 -21.37 -9.05 8.00
CA LYS A 107 -20.46 -10.17 7.96
C LYS A 107 -21.03 -11.17 6.99
N LEU A 108 -20.15 -11.97 6.39
CA LEU A 108 -20.57 -13.12 5.60
C LEU A 108 -19.73 -14.29 6.09
N VAL A 109 -20.38 -15.32 6.61
CA VAL A 109 -19.68 -16.40 7.27
C VAL A 109 -19.66 -17.69 6.46
N GLY A 110 -18.50 -18.31 6.33
CA GLY A 110 -18.42 -19.62 5.66
C GLY A 110 -18.03 -19.53 4.20
N ALA A 111 -17.62 -20.65 3.61
CA ALA A 111 -17.33 -20.68 2.19
C ALA A 111 -18.60 -20.37 1.38
N THR A 112 -18.47 -19.58 0.32
CA THR A 112 -19.61 -19.31 -0.56
C THR A 112 -19.12 -19.09 -1.98
N PRO A 113 -20.01 -19.21 -2.96
CA PRO A 113 -19.62 -18.86 -4.32
C PRO A 113 -19.31 -17.37 -4.37
N TRP A 114 -18.47 -16.97 -5.30
CA TRP A 114 -18.03 -15.59 -5.36
C TRP A 114 -19.15 -14.62 -5.69
N SER A 115 -20.19 -15.12 -6.36
CA SER A 115 -21.40 -14.33 -6.66
C SER A 115 -22.01 -13.72 -5.41
N LEU A 116 -22.08 -14.52 -4.35
CA LEU A 116 -22.68 -14.11 -3.11
C LEU A 116 -21.87 -13.03 -2.39
N LYS A 117 -20.53 -13.15 -2.46
CA LYS A 117 -19.62 -12.11 -2.01
C LYS A 117 -19.80 -10.81 -2.80
N VAL A 118 -19.97 -10.91 -4.11
CA VAL A 118 -20.11 -9.72 -4.93
C VAL A 118 -21.41 -8.98 -4.64
N GLU A 119 -22.48 -9.75 -4.44
CA GLU A 119 -23.78 -9.16 -4.07
C GLU A 119 -23.71 -8.41 -2.75
N LYS A 120 -23.06 -9.01 -1.78
CA LYS A 120 -22.97 -8.36 -0.49
C LYS A 120 -22.19 -7.03 -0.63
N ALA A 121 -21.09 -7.02 -1.38
CA ALA A 121 -20.31 -5.80 -1.59
C ALA A 121 -21.14 -4.67 -2.26
N ARG A 122 -21.87 -5.02 -3.31
CA ARG A 122 -22.77 -4.07 -3.98
C ARG A 122 -23.88 -3.51 -3.07
N GLU A 123 -24.55 -4.39 -2.37
CA GLU A 123 -25.49 -3.98 -1.34
C GLU A 123 -24.90 -2.92 -0.43
N ILE A 124 -23.66 -3.11 -0.01
CA ILE A 124 -23.05 -2.24 1.00
C ILE A 124 -22.27 -1.03 0.47
N TYR A 125 -21.65 -1.16 -0.70
CA TYR A 125 -20.87 -0.05 -1.23
C TYR A 125 -21.48 0.48 -2.53
N SER B 2 6.36 26.49 -10.10
CA SER B 2 5.96 26.33 -8.69
C SER B 2 5.37 24.92 -8.48
N LEU B 3 5.74 24.30 -7.36
CA LEU B 3 5.16 23.01 -6.97
C LEU B 3 3.63 23.11 -6.83
N SER B 4 3.15 24.32 -6.57
CA SER B 4 1.74 24.56 -6.37
C SER B 4 0.95 24.26 -7.62
N TYR B 5 1.63 24.22 -8.77
CA TYR B 5 0.99 23.97 -10.06
C TYR B 5 1.02 22.50 -10.41
N VAL B 6 1.69 21.71 -9.59
CA VAL B 6 1.82 20.32 -9.90
C VAL B 6 0.62 19.53 -9.40
N LYS B 7 0.11 18.67 -10.26
CA LYS B 7 -0.96 17.77 -9.86
C LYS B 7 -0.43 16.71 -8.87
N GLU B 8 -1.17 16.52 -7.79
CA GLU B 8 -0.82 15.53 -6.80
C GLU B 8 -1.05 14.12 -7.32
N GLY B 9 -0.38 13.16 -6.70
CA GLY B 9 -0.44 11.78 -7.20
C GLY B 9 0.88 11.04 -7.09
N LEU B 10 0.98 9.95 -7.86
CA LEU B 10 2.20 9.16 -7.99
C LEU B 10 2.75 9.44 -9.38
N ALA B 11 4.05 9.56 -9.49
CA ALA B 11 4.63 9.87 -10.77
C ALA B 11 6.14 9.57 -10.78
N VAL B 12 6.71 9.57 -11.97
CA VAL B 12 8.13 9.36 -12.18
C VAL B 12 8.69 10.68 -12.75
N LEU B 13 9.76 11.19 -12.13
CA LEU B 13 10.33 12.43 -12.58
C LEU B 13 11.49 12.03 -13.43
N GLU B 14 11.37 12.21 -14.73
CA GLU B 14 12.43 11.78 -15.64
C GLU B 14 12.96 12.92 -16.47
N ASP B 15 14.24 13.23 -16.28
CA ASP B 15 14.85 14.44 -16.83
C ASP B 15 13.95 15.65 -16.74
N GLY B 16 13.40 15.91 -15.57
CA GLY B 16 12.69 17.15 -15.32
C GLY B 16 11.21 17.07 -15.60
N ARG B 17 10.80 15.99 -16.23
CA ARG B 17 9.40 15.84 -16.61
C ARG B 17 8.69 14.79 -15.81
N LEU B 18 7.43 15.09 -15.47
CA LEU B 18 6.61 14.18 -14.72
C LEU B 18 5.82 13.22 -15.61
N ILE B 19 5.86 11.94 -15.27
CA ILE B 19 5.02 10.95 -15.92
C ILE B 19 4.18 10.36 -14.82
N TYR B 20 2.86 10.53 -14.88
CA TYR B 20 2.01 10.02 -13.81
C TYR B 20 1.81 8.51 -13.93
N ILE B 21 1.67 7.82 -12.79
CA ILE B 21 1.72 6.37 -12.82
C ILE B 21 0.65 5.80 -11.92
N THR B 22 0.46 4.48 -12.01
CA THR B 22 -0.51 3.81 -11.17
C THR B 22 0.12 3.28 -9.90
N PRO B 23 -0.73 2.93 -8.93
CA PRO B 23 -0.24 2.21 -7.76
C PRO B 23 0.50 0.94 -8.14
N GLU B 24 0.02 0.24 -9.16
CA GLU B 24 0.68 -0.97 -9.64
CA GLU B 24 0.71 -0.97 -9.56
C GLU B 24 2.12 -0.72 -10.11
N GLU B 25 2.28 0.36 -10.90
CA GLU B 25 3.60 0.72 -11.45
C GLU B 25 4.49 1.32 -10.35
N PHE B 26 3.91 2.14 -9.48
CA PHE B 26 4.62 2.52 -8.25
C PHE B 26 5.27 1.28 -7.59
N ARG B 27 4.47 0.28 -7.20
CA ARG B 27 5.04 -0.92 -6.58
C ARG B 27 6.13 -1.58 -7.42
N GLN B 28 5.85 -1.78 -8.71
CA GLN B 28 6.79 -2.43 -9.61
C GLN B 28 8.15 -1.75 -9.56
N LEU B 29 8.16 -0.42 -9.71
CA LEU B 29 9.41 0.35 -9.73
C LEU B 29 10.15 0.23 -8.40
N LEU B 30 9.41 0.22 -7.30
CA LEU B 30 10.06 0.14 -6.01
C LEU B 30 10.70 -1.25 -5.76
N GLN B 31 10.40 -2.22 -6.61
CA GLN B 31 11.02 -3.53 -6.49
C GLN B 31 12.43 -3.57 -7.06
N GLY B 32 12.86 -2.49 -7.70
CA GLY B 32 14.23 -2.43 -8.22
C GLY B 32 15.12 -1.33 -7.62
N ASP B 33 15.90 -0.71 -8.47
CA ASP B 33 16.69 0.41 -8.04
C ASP B 33 15.80 1.63 -8.29
N ALA B 34 15.49 2.37 -7.23
CA ALA B 34 14.71 3.60 -7.40
C ALA B 34 14.86 4.53 -6.20
N ILE B 35 14.68 5.82 -6.47
CA ILE B 35 14.64 6.84 -5.43
C ILE B 35 13.19 7.31 -5.23
N LEU B 36 12.63 7.04 -4.05
CA LEU B 36 11.33 7.49 -3.71
C LEU B 36 11.42 8.90 -3.14
N ALA B 37 10.67 9.83 -3.73
CA ALA B 37 10.64 11.20 -3.28
C ALA B 37 9.32 11.48 -2.59
N VAL B 38 9.37 11.72 -1.28
CA VAL B 38 8.17 12.02 -0.53
C VAL B 38 7.96 13.54 -0.42
N TYR B 39 6.90 14.02 -1.08
CA TYR B 39 6.60 15.44 -1.17
C TYR B 39 5.18 15.78 -0.67
N SER B 40 4.97 17.04 -0.32
CA SER B 40 3.62 17.54 -0.08
C SER B 40 3.50 18.95 -0.60
N LYS B 41 2.37 19.25 -1.25
CA LYS B 41 2.18 20.57 -1.85
C LYS B 41 1.94 21.60 -0.75
N THR B 42 1.65 21.12 0.46
CA THR B 42 1.45 22.03 1.60
C THR B 42 2.78 22.50 2.21
N CYS B 43 3.89 21.84 1.84
CA CYS B 43 5.13 21.95 2.58
C CYS B 43 6.04 23.04 2.01
N PRO B 44 6.49 23.96 2.88
CA PRO B 44 7.35 25.05 2.40
C PRO B 44 8.72 24.53 1.95
N HIS B 45 9.23 23.51 2.64
CA HIS B 45 10.52 22.94 2.22
C HIS B 45 10.44 22.20 0.87
N CYS B 46 9.29 21.56 0.60
CA CYS B 46 9.10 20.90 -0.68
C CYS B 46 9.11 21.94 -1.82
N HIS B 47 8.46 23.08 -1.60
CA HIS B 47 8.46 24.16 -2.57
C HIS B 47 9.87 24.67 -2.89
N ARG B 48 10.69 24.80 -1.85
CA ARG B 48 12.10 25.21 -2.01
C ARG B 48 12.92 24.13 -2.74
N ASP B 49 12.71 22.87 -2.36
CA ASP B 49 13.48 21.73 -2.89
C ASP B 49 13.19 21.38 -4.34
N TRP B 50 12.03 21.79 -4.83
CA TRP B 50 11.45 21.25 -6.06
C TRP B 50 12.32 21.48 -7.30
N PRO B 51 12.79 22.72 -7.51
CA PRO B 51 13.72 22.93 -8.63
C PRO B 51 15.04 22.14 -8.47
N GLN B 52 15.48 21.95 -7.23
CA GLN B 52 16.68 21.18 -6.97
C GLN B 52 16.46 19.74 -7.40
N LEU B 53 15.28 19.20 -7.13
CA LEU B 53 15.03 17.81 -7.42
C LEU B 53 14.88 17.62 -8.92
N ILE B 54 14.24 18.59 -9.56
CA ILE B 54 14.04 18.53 -11.00
C ILE B 54 15.40 18.41 -11.66
N GLN B 55 16.32 19.29 -11.25
CA GLN B 55 17.70 19.26 -11.76
C GLN B 55 18.41 17.94 -11.50
N ALA B 56 18.29 17.39 -10.30
CA ALA B 56 18.92 16.11 -10.02
C ALA B 56 18.43 14.99 -10.93
N SER B 57 17.14 15.01 -11.27
CA SER B 57 16.58 13.97 -12.12
C SER B 57 17.20 14.03 -13.52
N LYS B 58 17.86 15.12 -13.85
CA LYS B 58 18.58 15.20 -15.13
C LYS B 58 20.00 14.64 -15.01
N GLU B 59 20.43 14.29 -13.81
CA GLU B 59 21.83 13.99 -13.55
C GLU B 59 21.99 12.58 -13.06
N VAL B 60 20.90 11.85 -12.88
CA VAL B 60 21.00 10.47 -12.48
C VAL B 60 20.22 9.59 -13.46
N ASP B 61 20.55 8.32 -13.51
CA ASP B 61 19.89 7.42 -14.45
C ASP B 61 18.81 6.60 -13.75
N VAL B 62 18.94 6.46 -12.43
CA VAL B 62 17.98 5.69 -11.65
C VAL B 62 16.64 6.42 -11.66
N PRO B 63 15.54 5.67 -11.62
CA PRO B 63 14.28 6.42 -11.68
C PRO B 63 13.99 7.12 -10.35
N ILE B 64 13.53 8.36 -10.41
CA ILE B 64 13.03 9.05 -9.23
C ILE B 64 11.52 8.89 -9.19
N VAL B 65 11.04 8.17 -8.18
CA VAL B 65 9.65 7.89 -8.07
C VAL B 65 9.04 8.82 -7.04
N MET B 66 8.02 9.55 -7.46
CA MET B 66 7.48 10.58 -6.60
C MET B 66 6.10 10.27 -6.05
N PHE B 67 5.95 10.59 -4.77
CA PHE B 67 4.66 10.73 -4.12
C PHE B 67 4.49 12.22 -3.80
N ILE B 68 3.50 12.82 -4.42
CA ILE B 68 3.24 14.22 -4.17
C ILE B 68 1.88 14.30 -3.51
N TRP B 69 1.89 14.58 -2.22
CA TRP B 69 0.64 14.75 -1.51
C TRP B 69 -0.10 16.02 -1.93
N GLY B 70 -1.39 15.90 -2.16
CA GLY B 70 -2.30 17.03 -2.36
C GLY B 70 -3.67 16.64 -1.87
N SER B 71 -4.59 17.59 -1.73
CA SER B 71 -5.88 17.24 -1.19
C SER B 71 -6.70 16.31 -2.07
N LEU B 72 -6.34 16.22 -3.35
CA LEU B 72 -7.09 15.41 -4.29
C LEU B 72 -6.53 14.01 -4.47
N ILE B 73 -5.47 13.70 -3.74
CA ILE B 73 -4.81 12.40 -3.90
C ILE B 73 -5.82 11.25 -3.76
N GLY B 74 -5.67 10.21 -4.54
CA GLY B 74 -6.59 9.06 -4.47
C GLY B 74 -6.30 8.07 -3.37
N GLU B 75 -7.34 7.37 -2.93
CA GLU B 75 -7.23 6.42 -1.82
C GLU B 75 -6.23 5.30 -2.10
N ARG B 76 -6.23 4.77 -3.31
CA ARG B 76 -5.31 3.70 -3.59
C ARG B 76 -3.91 4.20 -3.87
N GLU B 77 -3.80 5.41 -4.39
CA GLU B 77 -2.50 6.07 -4.53
C GLU B 77 -1.86 6.23 -3.17
N LEU B 78 -2.65 6.78 -2.24
CA LEU B 78 -2.22 7.06 -0.87
C LEU B 78 -1.79 5.79 -0.13
N SER B 79 -2.65 4.76 -0.19
CA SER B 79 -2.31 3.49 0.45
C SER B 79 -0.97 2.94 -0.01
N ALA B 80 -0.77 2.93 -1.32
CA ALA B 80 0.44 2.35 -1.87
C ALA B 80 1.68 3.08 -1.37
N ALA B 81 1.61 4.41 -1.29
CA ALA B 81 2.77 5.19 -0.84
C ALA B 81 2.88 5.11 0.67
N ARG B 82 1.73 5.10 1.33
CA ARG B 82 1.68 5.05 2.79
C ARG B 82 2.38 3.79 3.32
N LEU B 83 2.08 2.66 2.69
CA LEU B 83 2.73 1.40 3.02
C LEU B 83 4.25 1.51 3.02
N GLU B 84 4.81 2.06 1.94
CA GLU B 84 6.27 2.22 1.85
C GLU B 84 6.82 3.31 2.77
N MET B 85 6.10 4.43 2.89
CA MET B 85 6.57 5.57 3.66
C MET B 85 6.69 5.19 5.12
N ASN B 86 5.65 4.58 5.66
CA ASN B 86 5.76 4.08 7.02
C ASN B 86 6.86 3.05 7.20
N LYS B 87 7.00 2.12 6.25
CA LYS B 87 8.09 1.16 6.30
C LYS B 87 9.48 1.77 6.45
N ALA B 88 9.72 2.86 5.70
CA ALA B 88 11.02 3.56 5.71
C ALA B 88 11.15 4.51 6.90
N GLY B 89 10.09 4.65 7.68
CA GLY B 89 10.14 5.56 8.84
C GLY B 89 10.24 7.04 8.46
N VAL B 90 9.53 7.43 7.40
CA VAL B 90 9.50 8.83 7.00
C VAL B 90 8.80 9.65 8.08
N GLU B 91 9.38 10.77 8.47
CA GLU B 91 8.76 11.63 9.46
C GLU B 91 8.43 13.02 8.97
N GLY B 92 8.96 13.40 7.82
CA GLY B 92 8.75 14.77 7.32
C GLY B 92 9.08 14.86 5.85
N THR B 93 9.00 16.06 5.29
CA THR B 93 9.14 16.26 3.85
C THR B 93 10.01 17.49 3.60
N PRO B 94 10.72 17.52 2.45
CA PRO B 94 10.85 16.36 1.58
C PRO B 94 11.73 15.29 2.22
N THR B 95 11.59 14.06 1.74
CA THR B 95 12.47 12.98 2.13
C THR B 95 12.66 12.11 0.91
N LEU B 96 13.91 11.73 0.67
CA LEU B 96 14.26 10.77 -0.37
C LEU B 96 14.58 9.47 0.32
N VAL B 97 13.96 8.39 -0.15
CA VAL B 97 14.19 7.03 0.32
C VAL B 97 14.87 6.27 -0.82
N PHE B 98 16.04 5.68 -0.54
CA PHE B 98 16.84 4.99 -1.56
C PHE B 98 16.61 3.49 -1.56
N TYR B 99 16.11 2.98 -2.70
CA TYR B 99 15.84 1.56 -2.82
C TYR B 99 16.89 0.97 -3.73
N LYS B 100 17.47 -0.16 -3.32
CA LYS B 100 18.34 -0.93 -4.19
C LYS B 100 17.84 -2.39 -4.28
N GLU B 101 17.61 -2.85 -5.50
CA GLU B 101 17.06 -4.18 -5.67
C GLU B 101 15.85 -4.32 -4.75
N GLY B 102 15.12 -3.24 -4.55
CA GLY B 102 13.84 -3.32 -3.89
C GLY B 102 13.91 -3.24 -2.37
N ARG B 103 15.07 -2.92 -1.84
CA ARG B 103 15.20 -2.79 -0.40
C ARG B 103 15.61 -1.37 -0.06
N ILE B 104 15.03 -0.84 1.01
CA ILE B 104 15.35 0.50 1.51
C ILE B 104 16.76 0.49 2.11
N VAL B 105 17.67 1.25 1.50
CA VAL B 105 19.08 1.24 1.92
C VAL B 105 19.62 2.59 2.42
N ASP B 106 18.81 3.67 2.32
CA ASP B 106 19.27 4.99 2.81
C ASP B 106 18.16 6.03 2.63
N LYS B 107 18.33 7.20 3.24
CA LYS B 107 17.37 8.30 3.07
C LYS B 107 18.16 9.57 3.02
N LEU B 108 17.55 10.61 2.47
CA LEU B 108 18.09 11.96 2.56
C LEU B 108 16.91 12.87 2.88
N VAL B 109 16.95 13.49 4.04
CA VAL B 109 15.84 14.28 4.57
C VAL B 109 16.07 15.79 4.40
N GLY B 110 15.01 16.54 4.10
CA GLY B 110 15.12 17.99 3.99
C GLY B 110 15.47 18.53 2.60
N ALA B 111 15.22 19.82 2.39
CA ALA B 111 15.64 20.49 1.18
C ALA B 111 17.17 20.43 1.12
N THR B 112 17.72 20.14 -0.06
CA THR B 112 19.14 20.25 -0.28
C THR B 112 19.46 20.72 -1.69
N PRO B 113 20.67 21.26 -1.88
CA PRO B 113 21.09 21.55 -3.24
C PRO B 113 21.16 20.24 -3.99
N TRP B 114 21.07 20.29 -5.31
CA TRP B 114 20.96 19.06 -6.08
C TRP B 114 22.21 18.22 -6.12
N SER B 115 23.35 18.84 -5.77
CA SER B 115 24.62 18.14 -5.75
C SER B 115 24.62 17.11 -4.65
N LEU B 116 23.99 17.41 -3.52
CA LEU B 116 23.92 16.43 -2.47
C LEU B 116 23.09 15.22 -2.92
N LYS B 117 21.97 15.49 -3.59
CA LYS B 117 21.14 14.42 -4.10
C LYS B 117 21.94 13.52 -5.05
N VAL B 118 22.73 14.12 -5.94
CA VAL B 118 23.44 13.31 -6.93
C VAL B 118 24.51 12.43 -6.28
N GLU B 119 25.19 12.98 -5.28
CA GLU B 119 26.33 12.27 -4.68
C GLU B 119 25.80 11.07 -3.96
N LYS B 120 24.60 11.21 -3.42
CA LYS B 120 24.03 10.12 -2.68
C LYS B 120 23.65 8.99 -3.64
N ALA B 121 23.15 9.35 -4.82
CA ALA B 121 22.79 8.40 -5.86
C ALA B 121 24.04 7.69 -6.40
N ARG B 122 25.12 8.43 -6.57
CA ARG B 122 26.37 7.81 -6.97
C ARG B 122 26.89 6.88 -5.89
N GLU B 123 26.84 7.32 -4.64
CA GLU B 123 27.37 6.50 -3.56
C GLU B 123 26.65 5.16 -3.50
N ILE B 124 25.36 5.16 -3.85
CA ILE B 124 24.52 3.98 -3.69
C ILE B 124 24.33 3.15 -4.95
N TYR B 125 24.39 3.79 -6.09
CA TYR B 125 24.26 3.10 -7.36
C TYR B 125 25.54 3.37 -8.13
#